data_7ZYD
#
_entry.id   7ZYD
#
_cell.length_a   58.720
_cell.length_b   45.895
_cell.length_c   63.501
_cell.angle_alpha   90.000
_cell.angle_beta   111.660
_cell.angle_gamma   90.000
#
_symmetry.space_group_name_H-M   'P 1 21 1'
#
loop_
_entity.id
_entity.type
_entity.pdbx_description
1 polymer 'Casein kinase II subunit alpha'
2 non-polymer 'ACETATE ION'
3 non-polymer "ADENOSINE-5'-TRIPHOSPHATE"
4 non-polymer 5-bromanyl-6-chloranyl-1~{H}-indole
5 water water
#
_entity_poly.entity_id   1
_entity_poly.type   'polypeptide(L)'
_entity_poly.pdbx_seq_one_letter_code
;SGPVPSRARVYTDVNTHRPSEYWDYESHVVEWGNQDDYQLVRKLGRGKYSEVFEAINITNNEKVVVKILKPVAAAKIKRE
IKILENLRGGPNIITLADIVKDPVSRTPALVFEHVNNTDFKQLYQTLTDYDIRFYMYEILKALDYCHSMGIMHRDVKPHN
VMIDHEHRKLRLIDWGLAEFYHPGQEYNVRVASRYFKGPELLVDYQMYDYSLDMWSLGCMLASMIFRKEPFFHGHDNYDQ
LVRIAKVLGTEDLYDYIDKYNIELDPRFNDILGRHSRKRWERFVHSENQHLVSPEALDFLDKLLRYDHQSRLTAREAMEH
PYFYTVVK
;
_entity_poly.pdbx_strand_id   A
#
loop_
_chem_comp.id
_chem_comp.type
_chem_comp.name
_chem_comp.formula
ACT non-polymer 'ACETATE ION' 'C2 H3 O2 -1'
ATP non-polymer ADENOSINE-5'-TRIPHOSPHATE 'C10 H16 N5 O13 P3'
KD6 non-polymer 5-bromanyl-6-chloranyl-1~{H}-indole 'C8 H5 Br Cl N'
#
# COMPACT_ATOMS: atom_id res chain seq x y z
N GLY A 2 -20.72 16.57 13.95
CA GLY A 2 -19.36 16.07 13.75
C GLY A 2 -19.26 15.39 12.40
N PRO A 3 -18.18 14.62 12.12
CA PRO A 3 -18.10 13.97 10.79
C PRO A 3 -19.16 12.91 10.54
N VAL A 4 -19.59 12.80 9.27
CA VAL A 4 -20.54 11.80 8.81
C VAL A 4 -19.78 10.45 8.77
N PRO A 5 -20.38 9.35 9.27
CA PRO A 5 -19.70 8.06 9.19
C PRO A 5 -19.61 7.53 7.75
N SER A 6 -18.72 6.55 7.61
CA SER A 6 -18.44 5.95 6.28
C SER A 6 -18.17 4.46 6.48
N ARG A 7 -18.48 3.65 5.47
CA ARG A 7 -18.13 2.20 5.54
C ARG A 7 -17.66 1.77 4.15
N ALA A 8 -16.84 0.73 4.09
CA ALA A 8 -16.39 0.20 2.79
C ALA A 8 -17.62 -0.25 1.98
N ARG A 9 -17.53 -0.15 0.65
CA ARG A 9 -18.65 -0.61 -0.21
C ARG A 9 -18.47 -2.10 -0.51
N VAL A 10 -17.36 -2.70 -0.07
CA VAL A 10 -17.09 -4.15 -0.28
C VAL A 10 -16.43 -4.73 0.98
N TYR A 11 -16.53 -6.05 1.16
CA TYR A 11 -15.83 -6.73 2.30
C TYR A 11 -16.07 -5.97 3.59
N THR A 12 -17.32 -5.58 3.83
N THR A 12 -17.32 -5.57 3.83
CA THR A 12 -17.64 -4.78 5.04
CA THR A 12 -17.64 -4.78 5.04
C THR A 12 -17.78 -5.68 6.28
C THR A 12 -17.78 -5.68 6.28
N ASP A 13 -18.28 -6.91 6.09
CA ASP A 13 -18.53 -7.79 7.27
C ASP A 13 -17.69 -9.07 7.23
N VAL A 14 -16.54 -9.04 6.58
CA VAL A 14 -15.64 -10.22 6.56
C VAL A 14 -15.22 -10.56 7.99
N ASN A 15 -14.88 -9.57 8.81
CA ASN A 15 -14.33 -9.85 10.16
C ASN A 15 -15.44 -10.21 11.16
N THR A 16 -16.64 -9.66 10.97
CA THR A 16 -17.75 -9.93 11.91
C THR A 16 -18.14 -11.39 11.83
N HIS A 17 -17.96 -12.00 10.66
CA HIS A 17 -18.41 -13.40 10.43
C HIS A 17 -17.25 -14.39 10.52
N ARG A 18 -16.08 -13.94 10.97
CA ARG A 18 -14.94 -14.87 11.14
C ARG A 18 -14.80 -15.19 12.62
N PRO A 19 -14.16 -16.34 12.99
CA PRO A 19 -13.92 -16.64 14.39
C PRO A 19 -13.14 -15.46 14.99
N SER A 20 -13.39 -15.13 16.25
CA SER A 20 -12.71 -13.98 16.90
C SER A 20 -11.19 -14.17 16.84
N GLU A 21 -10.72 -15.41 16.84
CA GLU A 21 -9.26 -15.70 16.77
C GLU A 21 -8.68 -15.07 15.52
N TYR A 22 -9.48 -14.97 14.44
CA TYR A 22 -8.94 -14.46 13.15
C TYR A 22 -8.46 -13.02 13.29
N TRP A 23 -9.22 -12.14 13.95
CA TRP A 23 -8.86 -10.70 13.99
C TRP A 23 -8.41 -10.24 15.38
N ASP A 24 -8.69 -11.03 16.42
CA ASP A 24 -8.27 -10.67 17.80
C ASP A 24 -6.78 -11.00 17.95
N TYR A 25 -5.91 -10.16 17.38
CA TYR A 25 -4.46 -10.47 17.36
C TYR A 25 -3.85 -10.46 18.78
N GLU A 26 -4.44 -9.68 19.69
CA GLU A 26 -3.91 -9.65 21.07
C GLU A 26 -3.98 -11.03 21.72
N SER A 27 -5.00 -11.80 21.39
CA SER A 27 -5.16 -13.13 21.97
C SER A 27 -4.32 -14.24 21.35
N HIS A 28 -3.63 -13.93 20.28
CA HIS A 28 -2.81 -14.88 19.57
C HIS A 28 -1.55 -15.37 20.33
N VAL A 29 -1.37 -16.66 20.38
CA VAL A 29 -0.17 -17.21 21.02
C VAL A 29 0.87 -17.50 19.92
N VAL A 30 2.02 -16.79 19.97
CA VAL A 30 3.10 -16.92 18.99
C VAL A 30 3.83 -18.25 19.14
N GLU A 31 3.97 -19.00 18.03
CA GLU A 31 4.73 -20.25 17.99
C GLU A 31 6.16 -19.88 17.57
N TRP A 32 7.14 -20.11 18.47
CA TRP A 32 8.55 -19.76 18.23
C TRP A 32 9.33 -20.89 17.58
N GLY A 33 10.15 -20.53 16.59
CA GLY A 33 11.03 -21.43 15.87
C GLY A 33 12.43 -21.43 16.46
N ASN A 34 13.39 -22.07 15.78
CA ASN A 34 14.78 -22.17 16.23
C ASN A 34 15.66 -21.05 15.64
N GLN A 35 16.09 -20.08 16.48
CA GLN A 35 16.95 -19.01 15.97
C GLN A 35 18.28 -19.53 15.34
N ASP A 36 18.81 -20.70 15.80
CA ASP A 36 20.05 -21.27 15.26
C ASP A 36 19.95 -21.79 13.85
N ASP A 37 18.71 -21.90 13.30
CA ASP A 37 18.50 -22.33 11.92
C ASP A 37 18.94 -21.23 10.95
N TYR A 38 19.14 -19.99 11.47
CA TYR A 38 19.44 -18.88 10.59
C TYR A 38 20.77 -18.25 10.86
N GLN A 39 21.54 -18.04 9.80
CA GLN A 39 22.85 -17.41 9.88
C GLN A 39 22.73 -16.07 9.17
N LEU A 40 22.90 -14.97 9.93
CA LEU A 40 22.83 -13.63 9.30
C LEU A 40 24.05 -13.43 8.38
N VAL A 41 23.82 -12.90 7.17
CA VAL A 41 24.85 -12.73 6.14
C VAL A 41 25.25 -11.25 5.98
N ARG A 42 24.26 -10.37 5.80
CA ARG A 42 24.53 -8.94 5.64
C ARG A 42 23.32 -8.10 5.99
N LYS A 43 23.56 -6.92 6.53
CA LYS A 43 22.50 -5.97 6.87
C LYS A 43 22.04 -5.30 5.57
N LEU A 44 20.72 -5.33 5.31
CA LEU A 44 20.14 -4.72 4.11
C LEU A 44 19.54 -3.34 4.37
N GLY A 45 19.09 -3.09 5.60
CA GLY A 45 18.50 -1.80 5.96
C GLY A 45 18.09 -1.72 7.41
N ARG A 46 17.78 -0.51 7.84
CA ARG A 46 17.30 -0.20 9.18
C ARG A 46 16.32 0.96 9.08
N GLY A 47 15.22 0.86 9.81
CA GLY A 47 14.19 1.88 9.89
C GLY A 47 13.88 2.16 11.35
N LYS A 48 12.81 2.91 11.62
CA LYS A 48 12.41 3.24 13.00
C LYS A 48 11.87 2.02 13.73
N TYR A 49 11.35 1.02 12.99
CA TYR A 49 10.75 -0.15 13.62
C TYR A 49 11.51 -1.45 13.45
N SER A 50 12.48 -1.55 12.52
CA SER A 50 13.22 -2.82 12.37
C SER A 50 14.57 -2.69 11.66
N GLU A 51 15.42 -3.72 11.82
CA GLU A 51 16.68 -3.89 11.10
C GLU A 51 16.44 -5.12 10.21
N VAL A 52 16.81 -5.02 8.94
CA VAL A 52 16.56 -6.06 7.95
C VAL A 52 17.87 -6.67 7.49
N PHE A 53 17.95 -8.00 7.51
CA PHE A 53 19.16 -8.74 7.14
C PHE A 53 18.89 -9.78 6.10
N GLU A 54 19.87 -10.05 5.24
CA GLU A 54 19.88 -11.19 4.33
C GLU A 54 20.46 -12.30 5.21
N ALA A 55 19.90 -13.50 5.15
CA ALA A 55 20.39 -14.61 5.95
C ALA A 55 20.27 -15.90 5.19
N ILE A 56 20.82 -16.97 5.75
CA ILE A 56 20.74 -18.29 5.15
C ILE A 56 20.07 -19.20 6.16
N ASN A 57 19.12 -20.01 5.69
CA ASN A 57 18.44 -21.01 6.50
C ASN A 57 19.36 -22.21 6.32
N ILE A 58 20.14 -22.54 7.36
CA ILE A 58 21.13 -23.64 7.29
C ILE A 58 20.50 -25.06 7.25
N THR A 59 19.17 -25.18 7.41
CA THR A 59 18.52 -26.50 7.34
C THR A 59 18.18 -26.88 5.89
N ASN A 60 18.29 -25.92 4.94
CA ASN A 60 18.01 -26.18 3.53
C ASN A 60 18.89 -25.35 2.59
N ASN A 61 19.85 -24.57 3.16
CA ASN A 61 20.77 -23.66 2.46
C ASN A 61 20.04 -22.60 1.59
N GLU A 62 18.77 -22.30 1.93
CA GLU A 62 17.98 -21.29 1.23
C GLU A 62 18.20 -19.92 1.81
N LYS A 63 18.20 -18.90 0.94
CA LYS A 63 18.32 -17.51 1.36
C LYS A 63 16.98 -17.07 1.93
N VAL A 64 17.04 -16.27 3.00
CA VAL A 64 15.84 -15.71 3.64
C VAL A 64 16.14 -14.26 4.01
N VAL A 65 15.12 -13.53 4.47
CA VAL A 65 15.30 -12.20 4.96
C VAL A 65 14.79 -12.18 6.36
N VAL A 66 15.56 -11.58 7.28
CA VAL A 66 15.18 -11.53 8.68
C VAL A 66 14.96 -10.09 9.08
N LYS A 67 13.77 -9.78 9.60
CA LYS A 67 13.41 -8.46 10.08
C LYS A 67 13.41 -8.51 11.60
N ILE A 68 14.42 -7.89 12.25
CA ILE A 68 14.53 -7.91 13.70
C ILE A 68 13.84 -6.66 14.21
N LEU A 69 12.70 -6.85 14.89
CA LEU A 69 11.91 -5.71 15.34
C LEU A 69 12.59 -4.90 16.43
N LYS A 70 12.52 -3.57 16.33
CA LYS A 70 13.07 -2.65 17.33
C LYS A 70 12.09 -2.57 18.53
N PRO A 71 12.49 -2.10 19.75
CA PRO A 71 11.53 -2.01 20.86
C PRO A 71 10.26 -1.22 20.52
N VAL A 72 9.14 -1.96 20.42
CA VAL A 72 7.82 -1.45 20.07
C VAL A 72 6.73 -2.26 20.82
N ALA A 73 5.49 -1.73 20.87
CA ALA A 73 4.33 -2.35 21.52
C ALA A 73 4.04 -3.76 21.00
N ALA A 74 3.76 -4.71 21.91
CA ALA A 74 3.43 -6.11 21.59
C ALA A 74 2.15 -6.19 20.74
N ALA A 75 1.35 -5.09 20.75
CA ALA A 75 0.13 -4.93 19.98
C ALA A 75 0.48 -4.90 18.49
N LYS A 76 1.47 -4.06 18.09
CA LYS A 76 1.94 -3.97 16.70
C LYS A 76 2.61 -5.28 16.23
N ILE A 77 3.36 -5.96 17.13
CA ILE A 77 4.07 -7.21 16.83
C ILE A 77 3.11 -8.37 16.51
N LYS A 78 2.15 -8.65 17.44
CA LYS A 78 1.17 -9.70 17.25
C LYS A 78 0.23 -9.38 16.08
N ARG A 79 -0.02 -8.08 15.83
CA ARG A 79 -0.89 -7.66 14.73
C ARG A 79 -0.24 -8.06 13.39
N GLU A 80 1.03 -7.71 13.21
CA GLU A 80 1.76 -8.06 11.97
C GLU A 80 1.83 -9.57 11.79
N ILE A 81 2.15 -10.31 12.88
CA ILE A 81 2.21 -11.76 12.79
C ILE A 81 0.87 -12.38 12.39
N LYS A 82 -0.23 -11.90 13.03
CA LYS A 82 -1.54 -12.44 12.76
C LYS A 82 -1.95 -12.16 11.31
N ILE A 83 -1.66 -10.95 10.83
CA ILE A 83 -1.99 -10.58 9.44
C ILE A 83 -1.17 -11.45 8.47
N LEU A 84 0.16 -11.58 8.71
CA LEU A 84 0.99 -12.38 7.83
C LEU A 84 0.57 -13.87 7.78
N GLU A 85 0.15 -14.42 8.96
CA GLU A 85 -0.29 -15.80 9.02
C GLU A 85 -1.64 -15.95 8.32
N ASN A 86 -2.54 -14.97 8.51
CA ASN A 86 -3.84 -14.97 7.85
C ASN A 86 -3.75 -14.95 6.33
N LEU A 87 -2.79 -14.17 5.80
CA LEU A 87 -2.65 -14.01 4.35
C LEU A 87 -1.68 -14.97 3.69
N ARG A 88 -0.97 -15.81 4.49
CA ARG A 88 0.04 -16.70 3.93
C ARG A 88 -0.53 -17.59 2.85
N GLY A 89 0.20 -17.70 1.75
CA GLY A 89 -0.21 -18.47 0.60
C GLY A 89 -1.07 -17.70 -0.39
N GLY A 90 -1.51 -16.49 -0.02
CA GLY A 90 -2.30 -15.62 -0.89
C GLY A 90 -1.52 -15.16 -2.09
N PRO A 91 -2.21 -14.79 -3.20
CA PRO A 91 -1.49 -14.36 -4.40
C PRO A 91 -0.63 -13.14 -4.19
N ASN A 92 0.67 -13.32 -4.50
CA ASN A 92 1.64 -12.24 -4.43
C ASN A 92 1.84 -11.65 -3.01
N ILE A 93 1.46 -12.38 -1.94
CA ILE A 93 1.69 -11.94 -0.57
C ILE A 93 3.02 -12.55 -0.10
N ILE A 94 3.93 -11.75 0.48
CA ILE A 94 5.18 -12.30 0.98
C ILE A 94 4.88 -13.41 1.99
N THR A 95 5.70 -14.50 1.95
CA THR A 95 5.53 -15.62 2.84
C THR A 95 6.38 -15.46 4.11
N LEU A 96 5.72 -15.41 5.25
CA LEU A 96 6.37 -15.48 6.56
C LEU A 96 6.78 -16.95 6.79
N ALA A 97 8.09 -17.22 6.80
CA ALA A 97 8.64 -18.59 6.91
C ALA A 97 8.80 -19.03 8.38
N ASP A 98 9.07 -18.08 9.30
CA ASP A 98 9.32 -18.40 10.71
C ASP A 98 9.28 -17.17 11.58
N ILE A 99 9.23 -17.38 12.90
CA ILE A 99 9.24 -16.32 13.89
C ILE A 99 10.19 -16.86 14.96
N VAL A 100 11.29 -16.13 15.21
CA VAL A 100 12.30 -16.58 16.21
C VAL A 100 12.62 -15.41 17.15
N LYS A 101 13.23 -15.71 18.31
CA LYS A 101 13.63 -14.66 19.26
C LYS A 101 15.09 -14.38 18.96
N ASP A 102 15.42 -13.12 18.63
CA ASP A 102 16.80 -12.77 18.33
C ASP A 102 17.59 -12.76 19.65
N PRO A 103 18.74 -13.46 19.70
CA PRO A 103 19.48 -13.54 20.98
C PRO A 103 20.09 -12.23 21.44
N VAL A 104 20.39 -11.30 20.51
CA VAL A 104 21.02 -10.02 20.83
C VAL A 104 20.00 -8.98 21.24
N SER A 105 19.01 -8.68 20.35
CA SER A 105 18.01 -7.65 20.64
C SER A 105 17.02 -8.06 21.70
N ARG A 106 16.80 -9.38 21.85
CA ARG A 106 15.83 -10.03 22.73
C ARG A 106 14.39 -9.62 22.31
N THR A 107 14.20 -9.43 20.98
CA THR A 107 12.92 -9.06 20.38
C THR A 107 12.58 -10.09 19.29
N PRO A 108 11.33 -10.13 18.78
CA PRO A 108 11.01 -11.08 17.72
C PRO A 108 11.69 -10.73 16.41
N ALA A 109 12.05 -11.77 15.68
CA ALA A 109 12.65 -11.68 14.37
C ALA A 109 11.78 -12.48 13.42
N LEU A 110 11.19 -11.76 12.47
CA LEU A 110 10.36 -12.39 11.46
C LEU A 110 11.22 -12.81 10.30
N VAL A 111 11.07 -14.06 9.87
CA VAL A 111 11.84 -14.64 8.80
C VAL A 111 10.92 -14.76 7.59
N PHE A 112 11.32 -14.17 6.46
CA PHE A 112 10.54 -14.15 5.22
C PHE A 112 11.25 -14.82 4.09
N GLU A 113 10.47 -15.28 3.09
CA GLU A 113 11.07 -15.79 1.85
C GLU A 113 11.88 -14.63 1.25
N HIS A 114 12.92 -14.99 0.56
CA HIS A 114 13.75 -13.99 -0.04
C HIS A 114 13.28 -13.76 -1.46
N VAL A 115 13.24 -12.52 -1.88
CA VAL A 115 12.92 -12.23 -3.25
C VAL A 115 14.14 -11.53 -3.83
N ASN A 116 14.58 -11.99 -4.97
CA ASN A 116 15.72 -11.41 -5.69
C ASN A 116 15.21 -10.18 -6.45
N ASN A 117 15.03 -9.11 -5.70
CA ASN A 117 14.50 -7.83 -6.10
C ASN A 117 15.37 -7.10 -7.09
N THR A 118 14.75 -6.61 -8.14
CA THR A 118 15.46 -5.86 -9.16
C THR A 118 15.60 -4.48 -8.61
N ASP A 119 16.70 -3.79 -8.92
CA ASP A 119 16.89 -2.38 -8.46
C ASP A 119 15.64 -1.55 -8.81
N PHE A 120 15.12 -0.79 -7.84
CA PHE A 120 13.90 0.01 -8.06
C PHE A 120 14.13 1.10 -9.12
N LYS A 121 15.29 1.76 -9.07
CA LYS A 121 15.61 2.83 -10.05
C LYS A 121 15.61 2.23 -11.46
N GLN A 122 16.22 1.06 -11.63
CA GLN A 122 16.28 0.40 -12.95
C GLN A 122 14.85 0.01 -13.37
N LEU A 123 14.10 -0.61 -12.46
CA LEU A 123 12.68 -0.95 -12.78
C LEU A 123 11.98 0.33 -13.24
N TYR A 124 11.99 1.37 -12.41
CA TYR A 124 11.23 2.61 -12.75
C TYR A 124 11.66 3.15 -14.11
N GLN A 125 12.96 3.06 -14.44
CA GLN A 125 13.46 3.66 -15.70
C GLN A 125 13.32 2.68 -16.87
N THR A 126 13.15 1.38 -16.62
CA THR A 126 13.16 0.40 -17.73
C THR A 126 11.77 -0.20 -17.99
N LEU A 127 10.84 -0.07 -17.06
CA LEU A 127 9.53 -0.76 -17.28
C LEU A 127 8.88 -0.22 -18.55
N THR A 128 8.39 -1.14 -19.39
CA THR A 128 7.67 -0.75 -20.61
C THR A 128 6.18 -0.58 -20.31
N ASP A 129 5.42 -0.04 -21.27
CA ASP A 129 3.97 0.08 -21.11
C ASP A 129 3.38 -1.27 -20.73
N TYR A 130 3.75 -2.34 -21.47
CA TYR A 130 3.23 -3.66 -21.15
C TYR A 130 3.63 -4.09 -19.72
N ASP A 131 4.89 -3.85 -19.30
CA ASP A 131 5.33 -4.26 -17.95
C ASP A 131 4.55 -3.51 -16.87
N ILE A 132 4.24 -2.22 -17.09
CA ILE A 132 3.48 -1.47 -16.09
C ILE A 132 2.11 -2.13 -15.91
N ARG A 133 1.42 -2.45 -17.01
CA ARG A 133 0.13 -3.09 -16.93
C ARG A 133 0.23 -4.45 -16.26
N PHE A 134 1.24 -5.23 -16.67
CA PHE A 134 1.42 -6.56 -16.12
C PHE A 134 1.62 -6.51 -14.59
N TYR A 135 2.57 -5.67 -14.14
CA TYR A 135 2.85 -5.62 -12.70
C TYR A 135 1.71 -4.97 -11.89
N MET A 136 1.01 -4.00 -12.47
N MET A 136 1.01 -3.97 -12.47
CA MET A 136 -0.14 -3.42 -11.78
CA MET A 136 -0.15 -3.39 -11.79
C MET A 136 -1.25 -4.46 -11.57
C MET A 136 -1.19 -4.49 -11.53
N TYR A 137 -1.44 -5.38 -12.52
CA TYR A 137 -2.42 -6.47 -12.39
C TYR A 137 -1.96 -7.43 -11.26
N GLU A 138 -0.66 -7.67 -11.16
CA GLU A 138 -0.13 -8.51 -10.10
C GLU A 138 -0.34 -7.89 -8.70
N ILE A 139 -0.10 -6.59 -8.57
N ILE A 139 -0.09 -6.59 -8.58
CA ILE A 139 -0.34 -5.91 -7.27
CA ILE A 139 -0.34 -5.90 -7.27
C ILE A 139 -1.84 -5.92 -6.95
C ILE A 139 -1.85 -5.97 -6.95
N LEU A 140 -2.70 -5.76 -7.95
CA LEU A 140 -4.13 -5.82 -7.68
C LEU A 140 -4.55 -7.19 -7.15
N LYS A 141 -3.92 -8.27 -7.63
CA LYS A 141 -4.27 -9.58 -7.08
C LYS A 141 -3.97 -9.63 -5.56
N ALA A 142 -2.83 -9.06 -5.13
CA ALA A 142 -2.47 -9.07 -3.71
C ALA A 142 -3.41 -8.19 -2.92
N LEU A 143 -3.79 -6.99 -3.49
CA LEU A 143 -4.67 -6.12 -2.76
C LEU A 143 -6.10 -6.66 -2.67
N ASP A 144 -6.63 -7.22 -3.76
CA ASP A 144 -7.97 -7.78 -3.64
C ASP A 144 -7.93 -8.94 -2.63
N TYR A 145 -6.85 -9.74 -2.63
CA TYR A 145 -6.83 -10.83 -1.67
C TYR A 145 -6.85 -10.30 -0.25
N CYS A 146 -5.94 -9.35 0.08
CA CYS A 146 -5.92 -8.92 1.44
C CYS A 146 -7.21 -8.16 1.85
N HIS A 147 -7.77 -7.38 0.96
CA HIS A 147 -9.06 -6.73 1.24
C HIS A 147 -10.22 -7.76 1.47
N SER A 148 -10.25 -8.79 0.65
CA SER A 148 -11.25 -9.87 0.76
C SER A 148 -11.09 -10.64 2.09
N MET A 149 -9.91 -10.54 2.66
CA MET A 149 -9.57 -11.14 3.93
C MET A 149 -9.73 -10.19 5.12
N GLY A 150 -10.30 -9.03 4.85
CA GLY A 150 -10.59 -8.07 5.89
C GLY A 150 -9.40 -7.26 6.38
N ILE A 151 -8.41 -7.11 5.50
CA ILE A 151 -7.20 -6.40 5.91
C ILE A 151 -6.88 -5.27 4.95
N MET A 152 -6.50 -4.12 5.51
CA MET A 152 -5.96 -3.02 4.69
C MET A 152 -4.45 -2.93 4.89
N HIS A 153 -3.67 -2.72 3.81
CA HIS A 153 -2.21 -2.72 3.94
C HIS A 153 -1.72 -1.42 4.56
N ARG A 154 -2.21 -0.28 4.08
CA ARG A 154 -1.95 1.05 4.62
C ARG A 154 -0.52 1.54 4.43
N ASP A 155 0.26 0.86 3.59
CA ASP A 155 1.59 1.38 3.29
C ASP A 155 2.00 0.93 1.92
N VAL A 156 1.08 1.10 0.95
CA VAL A 156 1.41 0.74 -0.40
C VAL A 156 2.30 1.87 -0.98
N LYS A 157 3.45 1.46 -1.53
CA LYS A 157 4.45 2.36 -2.10
C LYS A 157 5.46 1.50 -2.86
N PRO A 158 6.26 2.09 -3.78
CA PRO A 158 7.17 1.24 -4.56
C PRO A 158 8.14 0.40 -3.76
N HIS A 159 8.64 0.94 -2.65
CA HIS A 159 9.61 0.13 -1.87
C HIS A 159 8.98 -1.07 -1.17
N ASN A 160 7.67 -1.09 -1.09
CA ASN A 160 6.97 -2.21 -0.50
C ASN A 160 6.44 -3.25 -1.50
N VAL A 161 6.84 -3.08 -2.74
CA VAL A 161 6.51 -3.99 -3.82
C VAL A 161 7.79 -4.51 -4.39
N MET A 162 8.12 -5.73 -4.06
CA MET A 162 9.32 -6.36 -4.54
C MET A 162 9.08 -7.00 -5.89
N ILE A 163 9.95 -6.74 -6.84
CA ILE A 163 9.83 -7.31 -8.16
C ILE A 163 11.13 -7.97 -8.58
N ASP A 164 11.02 -9.22 -8.95
CA ASP A 164 12.11 -10.02 -9.51
C ASP A 164 11.74 -10.04 -11.00
N HIS A 165 12.27 -9.05 -11.70
CA HIS A 165 11.99 -8.81 -13.11
C HIS A 165 12.33 -10.00 -14.04
N GLU A 166 13.32 -10.83 -13.66
CA GLU A 166 13.75 -12.04 -14.39
C GLU A 166 12.67 -13.12 -14.42
N HIS A 167 12.06 -13.40 -13.26
CA HIS A 167 11.01 -14.41 -13.15
C HIS A 167 9.60 -13.81 -13.22
N ARG A 168 9.52 -12.49 -13.49
CA ARG A 168 8.25 -11.73 -13.59
C ARG A 168 7.37 -12.04 -12.37
N LYS A 169 8.02 -12.01 -11.19
CA LYS A 169 7.46 -12.33 -9.87
C LYS A 169 7.37 -11.04 -9.06
N LEU A 170 6.23 -10.85 -8.40
CA LEU A 170 5.98 -9.68 -7.57
C LEU A 170 5.54 -10.13 -6.17
N ARG A 171 5.98 -9.41 -5.12
CA ARG A 171 5.50 -9.65 -3.76
C ARG A 171 5.25 -8.34 -3.07
N LEU A 172 4.11 -8.27 -2.38
CA LEU A 172 3.75 -7.16 -1.53
C LEU A 172 4.29 -7.47 -0.12
N ILE A 173 5.14 -6.58 0.38
CA ILE A 173 5.83 -6.77 1.65
C ILE A 173 5.47 -5.67 2.63
N ASP A 174 6.10 -5.75 3.83
CA ASP A 174 6.03 -4.79 4.92
C ASP A 174 4.59 -4.52 5.38
N TRP A 175 4.10 -5.52 6.11
CA TRP A 175 2.75 -5.54 6.67
C TRP A 175 2.68 -4.96 8.10
N GLY A 176 3.72 -4.25 8.52
CA GLY A 176 3.80 -3.67 9.86
C GLY A 176 2.79 -2.58 10.15
N LEU A 177 2.24 -1.97 9.11
CA LEU A 177 1.18 -0.95 9.30
C LEU A 177 -0.21 -1.47 8.97
N ALA A 178 -0.30 -2.72 8.54
CA ALA A 178 -1.56 -3.30 8.11
C ALA A 178 -2.54 -3.42 9.28
N GLU A 179 -3.84 -3.35 9.00
CA GLU A 179 -4.83 -3.42 10.07
C GLU A 179 -6.09 -4.12 9.57
N PHE A 180 -6.82 -4.70 10.53
CA PHE A 180 -8.10 -5.38 10.22
C PHE A 180 -9.18 -4.32 10.07
N TYR A 181 -9.99 -4.45 9.02
CA TYR A 181 -11.06 -3.46 8.77
C TYR A 181 -12.32 -3.83 9.55
N HIS A 182 -12.75 -2.93 10.43
CA HIS A 182 -14.00 -3.14 11.19
C HIS A 182 -14.91 -1.94 10.88
N PRO A 183 -16.10 -2.16 10.30
CA PRO A 183 -16.98 -1.05 9.94
C PRO A 183 -17.24 -0.15 11.15
N GLY A 184 -17.12 1.17 10.96
CA GLY A 184 -17.39 2.13 12.04
C GLY A 184 -16.17 2.46 12.86
N GLN A 185 -15.08 1.71 12.67
CA GLN A 185 -13.88 1.92 13.49
C GLN A 185 -13.12 3.17 13.04
N GLU A 186 -12.66 3.94 14.01
CA GLU A 186 -11.85 5.12 13.74
C GLU A 186 -10.38 4.72 13.82
N TYR A 187 -9.61 4.93 12.75
CA TYR A 187 -8.24 4.50 12.70
C TYR A 187 -7.30 5.67 12.80
N ASN A 188 -6.02 5.36 13.05
CA ASN A 188 -5.00 6.40 13.13
C ASN A 188 -4.71 6.88 11.71
N VAL A 189 -4.66 8.17 11.49
CA VAL A 189 -4.37 8.70 10.17
C VAL A 189 -2.85 8.76 9.85
N ARG A 190 -1.99 8.50 10.84
CA ARG A 190 -0.55 8.47 10.59
C ARG A 190 -0.11 7.10 10.09
N VAL A 191 -0.44 6.88 8.91
CA VAL A 191 -0.08 5.69 8.20
C VAL A 191 0.30 6.11 6.78
N ALA A 192 0.83 5.16 6.02
CA ALA A 192 1.34 5.37 4.66
C ALA A 192 2.49 6.42 4.63
N SER A 193 3.23 6.46 3.55
CA SER A 193 4.31 7.41 3.40
C SER A 193 3.76 8.69 2.79
N ARG A 194 4.35 9.86 3.11
CA ARG A 194 3.82 11.14 2.67
C ARG A 194 3.23 11.17 1.27
N TYR A 195 4.02 10.77 0.25
CA TYR A 195 3.60 10.97 -1.12
C TYR A 195 2.44 10.06 -1.54
N PHE A 196 2.17 9.05 -0.73
CA PHE A 196 1.12 8.06 -1.00
C PHE A 196 -0.08 8.12 -0.06
N LYS A 197 -0.08 9.13 0.78
CA LYS A 197 -1.16 9.33 1.73
C LYS A 197 -2.42 9.82 1.02
N GLY A 198 -3.53 9.16 1.31
CA GLY A 198 -4.78 9.57 0.77
C GLY A 198 -5.31 10.86 1.42
N PRO A 199 -6.20 11.52 0.57
CA PRO A 199 -6.83 12.76 1.08
C PRO A 199 -7.53 12.54 2.41
N GLU A 200 -8.10 11.33 2.63
CA GLU A 200 -8.74 11.06 3.92
C GLU A 200 -7.75 11.20 5.08
N LEU A 201 -6.51 10.75 4.90
CA LEU A 201 -5.53 10.91 5.98
C LEU A 201 -5.12 12.39 6.13
N LEU A 202 -5.02 13.11 5.02
CA LEU A 202 -4.55 14.50 5.00
C LEU A 202 -5.55 15.48 5.57
N VAL A 203 -6.84 15.11 5.56
CA VAL A 203 -7.89 15.93 6.14
C VAL A 203 -8.34 15.39 7.48
N ASP A 204 -7.62 14.39 8.04
CA ASP A 204 -7.89 13.81 9.37
C ASP A 204 -9.25 13.12 9.48
N TYR A 205 -9.64 12.39 8.43
CA TYR A 205 -10.89 11.63 8.45
C TYR A 205 -10.50 10.21 8.85
N GLN A 206 -10.92 9.79 10.05
CA GLN A 206 -10.46 8.53 10.60
C GLN A 206 -11.24 7.27 10.22
N MET A 207 -12.44 7.41 9.66
CA MET A 207 -13.25 6.24 9.37
C MET A 207 -13.03 5.74 7.95
N TYR A 208 -11.75 5.47 7.64
CA TYR A 208 -11.37 5.06 6.30
C TYR A 208 -11.33 3.53 6.15
N ASP A 209 -10.97 3.04 4.94
CA ASP A 209 -11.09 1.60 4.71
C ASP A 209 -10.09 1.15 3.65
N TYR A 210 -10.30 -0.01 3.04
CA TYR A 210 -9.44 -0.58 2.00
C TYR A 210 -9.12 0.39 0.89
N SER A 211 -10.07 1.31 0.59
CA SER A 211 -9.92 2.26 -0.50
C SER A 211 -8.70 3.19 -0.34
N LEU A 212 -8.13 3.28 0.89
CA LEU A 212 -6.91 4.07 1.04
C LEU A 212 -5.81 3.45 0.16
N ASP A 213 -5.74 2.09 0.12
CA ASP A 213 -4.71 1.44 -0.66
C ASP A 213 -4.84 1.72 -2.14
N MET A 214 -6.08 1.98 -2.61
CA MET A 214 -6.30 2.23 -4.02
C MET A 214 -5.84 3.64 -4.40
N TRP A 215 -5.94 4.62 -3.47
CA TRP A 215 -5.32 5.93 -3.71
C TRP A 215 -3.79 5.76 -3.85
N SER A 216 -3.19 5.03 -2.91
CA SER A 216 -1.72 4.83 -2.94
C SER A 216 -1.31 4.18 -4.24
N LEU A 217 -2.08 3.19 -4.70
CA LEU A 217 -1.77 2.52 -5.96
C LEU A 217 -1.88 3.51 -7.13
N GLY A 218 -2.86 4.40 -7.10
CA GLY A 218 -2.99 5.39 -8.13
C GLY A 218 -1.76 6.33 -8.18
N CYS A 219 -1.24 6.67 -7.03
CA CYS A 219 -0.07 7.52 -6.98
C CYS A 219 1.12 6.80 -7.64
N MET A 220 1.23 5.50 -7.41
CA MET A 220 2.30 4.73 -8.03
C MET A 220 2.08 4.72 -9.55
N LEU A 221 0.87 4.44 -9.99
CA LEU A 221 0.58 4.42 -11.40
C LEU A 221 0.94 5.76 -12.09
N ALA A 222 0.51 6.88 -11.49
CA ALA A 222 0.77 8.21 -12.08
C ALA A 222 2.28 8.43 -12.23
N SER A 223 3.04 8.07 -11.20
CA SER A 223 4.50 8.27 -11.25
C SER A 223 5.13 7.40 -12.35
N MET A 224 4.57 6.22 -12.59
N MET A 224 4.57 6.21 -12.58
CA MET A 224 5.16 5.29 -13.59
CA MET A 224 5.16 5.29 -13.59
C MET A 224 4.83 5.73 -15.02
C MET A 224 4.83 5.73 -15.02
N ILE A 225 3.55 6.05 -15.29
CA ILE A 225 3.14 6.41 -16.69
C ILE A 225 3.62 7.83 -17.05
N PHE A 226 3.72 8.72 -16.08
CA PHE A 226 4.10 10.13 -16.40
C PHE A 226 5.60 10.35 -16.19
N ARG A 227 6.29 9.36 -15.65
CA ARG A 227 7.75 9.50 -15.41
C ARG A 227 7.97 10.71 -14.49
N LYS A 228 7.22 10.78 -13.40
CA LYS A 228 7.36 11.88 -12.42
C LYS A 228 7.33 11.25 -11.02
N GLU A 229 8.48 11.18 -10.35
CA GLU A 229 8.54 10.51 -9.03
C GLU A 229 8.93 11.53 -7.96
N PRO A 230 8.13 11.70 -6.88
CA PRO A 230 6.78 11.15 -6.84
C PRO A 230 5.84 12.05 -7.65
N PHE A 231 4.60 11.58 -7.87
CA PHE A 231 3.69 12.39 -8.64
C PHE A 231 3.21 13.63 -7.86
N PHE A 232 2.85 13.42 -6.62
CA PHE A 232 2.40 14.49 -5.73
C PHE A 232 3.56 14.69 -4.74
N HIS A 233 4.38 15.72 -4.97
CA HIS A 233 5.59 15.99 -4.22
C HIS A 233 5.42 17.06 -3.15
N GLY A 234 4.72 16.72 -2.08
CA GLY A 234 4.53 17.66 -0.98
C GLY A 234 5.76 17.83 -0.11
N HIS A 235 5.94 19.05 0.39
CA HIS A 235 7.04 19.40 1.29
C HIS A 235 6.80 18.85 2.72
N ASP A 236 5.52 18.66 3.09
CA ASP A 236 5.06 18.18 4.38
C ASP A 236 3.61 17.66 4.17
N ASN A 237 2.91 17.27 5.23
CA ASN A 237 1.56 16.67 5.07
C ASN A 237 0.53 17.71 4.59
N TYR A 238 0.76 18.98 4.88
CA TYR A 238 -0.18 20.05 4.47
C TYR A 238 0.04 20.40 2.98
N ASP A 239 1.29 20.61 2.62
CA ASP A 239 1.63 20.90 1.19
C ASP A 239 1.23 19.68 0.35
N GLN A 240 1.25 18.49 0.95
CA GLN A 240 0.85 17.28 0.22
C GLN A 240 -0.58 17.42 -0.30
N LEU A 241 -1.50 17.95 0.52
CA LEU A 241 -2.86 18.16 0.07
C LEU A 241 -2.96 19.27 -0.97
N VAL A 242 -2.12 20.34 -0.83
CA VAL A 242 -2.15 21.41 -1.81
C VAL A 242 -1.67 20.88 -3.17
N ARG A 243 -0.66 20.00 -3.16
CA ARG A 243 -0.14 19.43 -4.42
C ARG A 243 -1.23 18.62 -5.11
N ILE A 244 -2.01 17.86 -4.32
CA ILE A 244 -3.12 17.12 -4.90
C ILE A 244 -4.16 18.05 -5.46
N ALA A 245 -4.46 19.14 -4.71
CA ALA A 245 -5.49 20.07 -5.13
C ALA A 245 -5.13 20.86 -6.39
N LYS A 246 -3.87 21.01 -6.66
CA LYS A 246 -3.42 21.65 -7.88
C LYS A 246 -3.69 20.79 -9.12
N VAL A 247 -3.93 19.51 -8.92
CA VAL A 247 -4.21 18.59 -10.00
C VAL A 247 -5.72 18.27 -10.07
N LEU A 248 -6.32 17.83 -8.94
N LEU A 248 -6.28 17.85 -8.93
CA LEU A 248 -7.74 17.45 -8.95
CA LEU A 248 -7.68 17.42 -8.82
C LEU A 248 -8.68 18.63 -8.77
C LEU A 248 -8.67 18.58 -8.63
N GLY A 249 -8.16 19.69 -8.28
CA GLY A 249 -8.86 20.94 -8.08
C GLY A 249 -9.41 21.12 -6.69
N THR A 250 -9.69 22.35 -6.32
CA THR A 250 -10.25 22.60 -5.01
C THR A 250 -11.79 22.40 -4.89
N GLU A 251 -12.54 22.58 -5.95
CA GLU A 251 -13.99 22.40 -5.88
C GLU A 251 -14.36 20.99 -5.45
N ASP A 252 -13.75 19.97 -6.05
CA ASP A 252 -14.07 18.61 -5.67
C ASP A 252 -13.56 18.31 -4.25
N LEU A 253 -12.52 19.01 -3.83
CA LEU A 253 -12.03 18.84 -2.48
C LEU A 253 -13.04 19.36 -1.47
N TYR A 254 -13.58 20.55 -1.71
CA TYR A 254 -14.60 21.10 -0.83
C TYR A 254 -15.87 20.26 -0.86
N ASP A 255 -16.22 19.65 -2.02
CA ASP A 255 -17.41 18.81 -2.04
C ASP A 255 -17.18 17.56 -1.17
N TYR A 256 -15.95 17.01 -1.19
CA TYR A 256 -15.60 15.85 -0.39
C TYR A 256 -15.71 16.14 1.07
N ILE A 257 -15.07 17.24 1.53
CA ILE A 257 -15.14 17.55 2.95
C ILE A 257 -16.59 17.91 3.35
N ASP A 258 -17.35 18.56 2.45
CA ASP A 258 -18.75 18.87 2.79
C ASP A 258 -19.59 17.57 2.94
N LYS A 259 -19.40 16.61 2.04
CA LYS A 259 -20.11 15.32 2.09
C LYS A 259 -19.92 14.64 3.44
N TYR A 260 -18.71 14.64 3.97
CA TYR A 260 -18.43 13.94 5.21
C TYR A 260 -18.46 14.86 6.41
N ASN A 261 -18.90 16.13 6.21
CA ASN A 261 -19.01 17.12 7.29
C ASN A 261 -17.68 17.26 8.06
N ILE A 262 -16.54 17.29 7.30
CA ILE A 262 -15.16 17.43 7.80
C ILE A 262 -14.88 18.92 7.72
N GLU A 263 -14.17 19.43 8.70
CA GLU A 263 -13.73 20.81 8.69
C GLU A 263 -12.21 20.75 8.49
N LEU A 264 -11.72 21.43 7.46
CA LEU A 264 -10.26 21.42 7.19
C LEU A 264 -9.52 22.19 8.29
N ASP A 265 -8.29 21.78 8.57
CA ASP A 265 -7.43 22.54 9.52
C ASP A 265 -7.40 23.98 9.00
N PRO A 266 -7.64 25.01 9.85
CA PRO A 266 -7.67 26.39 9.38
C PRO A 266 -6.33 26.81 8.75
N ARG A 267 -5.28 26.03 9.00
CA ARG A 267 -3.94 26.36 8.43
C ARG A 267 -3.99 26.25 6.90
N PHE A 268 -4.99 25.55 6.35
CA PHE A 268 -5.14 25.44 4.88
C PHE A 268 -5.78 26.69 4.29
N ASN A 269 -6.28 27.60 5.14
CA ASN A 269 -6.99 28.80 4.63
C ASN A 269 -6.06 29.68 3.80
N ASP A 270 -4.76 29.70 4.12
CA ASP A 270 -3.85 30.63 3.41
C ASP A 270 -2.80 29.87 2.57
N ILE A 271 -3.07 28.62 2.21
CA ILE A 271 -2.12 27.85 1.35
C ILE A 271 -2.86 27.06 0.25
N LEU A 272 -4.15 26.78 0.43
CA LEU A 272 -4.87 25.92 -0.54
C LEU A 272 -5.19 26.67 -1.84
N GLY A 273 -5.56 27.95 -1.78
CA GLY A 273 -5.92 28.69 -2.98
C GLY A 273 -7.17 28.16 -3.67
N ARG A 274 -7.32 28.48 -4.95
CA ARG A 274 -8.41 28.04 -5.79
C ARG A 274 -7.79 27.48 -7.04
N HIS A 275 -8.02 26.19 -7.28
CA HIS A 275 -7.48 25.50 -8.44
C HIS A 275 -8.52 24.71 -9.18
N SER A 276 -8.45 24.75 -10.49
CA SER A 276 -9.36 23.97 -11.28
C SER A 276 -8.76 22.58 -11.43
N ARG A 277 -9.64 21.65 -11.77
CA ARG A 277 -9.18 20.29 -12.08
C ARG A 277 -8.44 20.35 -13.41
N LYS A 278 -7.30 19.66 -13.47
CA LYS A 278 -6.48 19.64 -14.70
C LYS A 278 -6.81 18.39 -15.51
N ARG A 279 -6.80 18.50 -16.84
CA ARG A 279 -6.99 17.30 -17.69
C ARG A 279 -5.69 16.48 -17.63
N TRP A 280 -5.80 15.15 -17.57
CA TRP A 280 -4.59 14.30 -17.38
C TRP A 280 -3.59 14.51 -18.53
N GLU A 281 -4.07 14.96 -19.68
CA GLU A 281 -3.19 15.18 -20.87
C GLU A 281 -2.14 16.25 -20.54
N ARG A 282 -2.40 17.08 -19.52
CA ARG A 282 -1.45 18.15 -19.12
C ARG A 282 -0.11 17.54 -18.71
N PHE A 283 -0.09 16.29 -18.26
CA PHE A 283 1.16 15.67 -17.73
C PHE A 283 1.85 14.82 -18.80
N VAL A 284 1.27 14.78 -19.99
CA VAL A 284 1.86 13.96 -21.11
C VAL A 284 2.90 14.80 -21.85
N HIS A 285 4.05 14.22 -22.13
CA HIS A 285 5.10 14.92 -22.90
C HIS A 285 5.85 13.89 -23.75
N SER A 286 6.77 14.36 -24.57
CA SER A 286 7.44 13.45 -25.46
C SER A 286 8.20 12.29 -24.77
N GLU A 287 8.63 12.49 -23.56
CA GLU A 287 9.36 11.48 -22.82
C GLU A 287 8.51 10.41 -22.08
N ASN A 288 7.21 10.61 -21.94
CA ASN A 288 6.36 9.63 -21.30
C ASN A 288 5.22 9.16 -22.19
N GLN A 289 5.14 9.69 -23.40
CA GLN A 289 4.01 9.38 -24.26
C GLN A 289 3.82 7.91 -24.58
N HIS A 290 4.91 7.19 -24.61
CA HIS A 290 4.84 5.79 -24.93
C HIS A 290 4.22 4.95 -23.81
N LEU A 291 4.07 5.54 -22.63
CA LEU A 291 3.47 4.88 -21.46
C LEU A 291 2.01 5.27 -21.20
N VAL A 292 1.56 6.24 -21.93
CA VAL A 292 0.25 6.76 -21.79
C VAL A 292 -0.68 6.28 -22.93
N SER A 293 -1.94 6.02 -22.58
CA SER A 293 -2.98 5.61 -23.49
C SER A 293 -4.29 6.15 -22.93
N PRO A 294 -5.38 6.22 -23.72
CA PRO A 294 -6.65 6.64 -23.15
C PRO A 294 -7.10 5.69 -22.03
N GLU A 295 -6.83 4.38 -22.15
CA GLU A 295 -7.20 3.42 -21.08
C GLU A 295 -6.38 3.69 -19.79
N ALA A 296 -5.09 3.99 -19.89
CA ALA A 296 -4.28 4.32 -18.69
C ALA A 296 -4.87 5.54 -17.98
N LEU A 297 -5.19 6.59 -18.73
CA LEU A 297 -5.68 7.85 -18.11
C LEU A 297 -7.06 7.63 -17.47
N ASP A 298 -7.93 6.85 -18.13
CA ASP A 298 -9.27 6.58 -17.56
C ASP A 298 -9.11 5.77 -16.27
N PHE A 299 -8.22 4.78 -16.27
CA PHE A 299 -8.02 3.97 -15.09
C PHE A 299 -7.47 4.86 -13.95
N LEU A 300 -6.45 5.66 -14.25
CA LEU A 300 -5.90 6.53 -13.25
C LEU A 300 -6.95 7.48 -12.65
N ASP A 301 -7.78 8.03 -13.52
CA ASP A 301 -8.80 8.94 -13.12
C ASP A 301 -9.80 8.33 -12.14
N LYS A 302 -10.02 7.03 -12.26
CA LYS A 302 -10.91 6.30 -11.41
C LYS A 302 -10.28 5.84 -10.06
N LEU A 303 -8.94 5.95 -9.95
CA LEU A 303 -8.27 5.64 -8.68
C LEU A 303 -8.07 6.93 -7.88
N LEU A 304 -7.62 7.99 -8.58
CA LEU A 304 -7.25 9.25 -7.93
C LEU A 304 -8.46 10.15 -7.76
N ARG A 305 -9.34 9.77 -6.84
CA ARG A 305 -10.51 10.53 -6.49
C ARG A 305 -10.49 10.89 -5.03
N TYR A 306 -10.88 12.15 -4.72
CA TYR A 306 -10.92 12.53 -3.32
C TYR A 306 -11.81 11.59 -2.49
N ASP A 307 -13.04 11.38 -2.98
CA ASP A 307 -14.00 10.57 -2.23
C ASP A 307 -13.61 9.12 -2.25
N HIS A 308 -13.13 8.65 -1.12
CA HIS A 308 -12.71 7.26 -0.97
C HIS A 308 -13.76 6.25 -1.38
N GLN A 309 -15.06 6.59 -1.22
CA GLN A 309 -16.13 5.68 -1.61
C GLN A 309 -16.32 5.60 -3.11
N SER A 310 -15.76 6.54 -3.88
N SER A 310 -15.77 6.56 -3.88
CA SER A 310 -15.94 6.59 -5.33
CA SER A 310 -15.94 6.61 -5.32
C SER A 310 -14.83 5.89 -6.11
C SER A 310 -14.80 5.99 -6.13
N ARG A 311 -13.70 5.61 -5.45
CA ARG A 311 -12.57 4.98 -6.13
C ARG A 311 -12.91 3.57 -6.54
N LEU A 312 -12.28 3.11 -7.63
CA LEU A 312 -12.43 1.69 -7.95
C LEU A 312 -11.96 0.81 -6.81
N THR A 313 -12.64 -0.33 -6.60
CA THR A 313 -12.10 -1.35 -5.71
C THR A 313 -11.03 -2.12 -6.47
N ALA A 314 -10.26 -2.95 -5.74
CA ALA A 314 -9.25 -3.75 -6.43
C ALA A 314 -9.87 -4.67 -7.48
N ARG A 315 -11.01 -5.34 -7.13
CA ARG A 315 -11.63 -6.24 -8.10
C ARG A 315 -12.18 -5.46 -9.31
N GLU A 316 -12.81 -4.28 -9.09
CA GLU A 316 -13.30 -3.50 -10.24
C GLU A 316 -12.09 -3.06 -11.08
N ALA A 317 -10.98 -2.65 -10.44
CA ALA A 317 -9.81 -2.23 -11.21
C ALA A 317 -9.33 -3.35 -12.15
N MET A 318 -9.39 -4.63 -11.66
CA MET A 318 -8.93 -5.74 -12.51
C MET A 318 -9.77 -5.95 -13.76
N GLU A 319 -10.99 -5.43 -13.74
CA GLU A 319 -11.93 -5.50 -14.85
C GLU A 319 -11.63 -4.39 -15.88
N HIS A 320 -10.72 -3.42 -15.58
CA HIS A 320 -10.61 -2.27 -16.46
C HIS A 320 -9.98 -2.59 -17.80
N PRO A 321 -10.42 -1.90 -18.89
CA PRO A 321 -9.79 -2.06 -20.22
C PRO A 321 -8.27 -1.93 -20.26
N TYR A 322 -7.66 -1.14 -19.33
CA TYR A 322 -6.21 -1.02 -19.33
C TYR A 322 -5.50 -2.41 -19.26
N PHE A 323 -6.18 -3.42 -18.68
CA PHE A 323 -5.55 -4.73 -18.53
C PHE A 323 -5.95 -5.70 -19.63
N TYR A 324 -6.77 -5.28 -20.60
CA TYR A 324 -7.15 -6.21 -21.67
C TYR A 324 -5.93 -6.74 -22.44
N THR A 325 -4.86 -5.94 -22.57
N THR A 325 -4.86 -5.95 -22.58
CA THR A 325 -3.66 -6.39 -23.29
CA THR A 325 -3.68 -6.40 -23.30
C THR A 325 -2.83 -7.41 -22.50
C THR A 325 -2.78 -7.33 -22.51
N VAL A 326 -3.02 -7.48 -21.17
CA VAL A 326 -2.19 -8.37 -20.37
C VAL A 326 -2.61 -9.81 -20.54
N VAL A 327 -1.63 -10.69 -20.84
CA VAL A 327 -1.86 -12.11 -20.99
C VAL A 327 -2.28 -12.68 -19.66
N LYS A 328 -3.45 -13.34 -19.63
CA LYS A 328 -3.98 -13.98 -18.43
C LYS A 328 -4.14 -15.47 -18.67
C ACT B . -0.94 2.07 13.57
O ACT B . 0.03 1.25 13.52
OXT ACT B . -2.15 1.78 13.62
CH3 ACT B . -0.56 3.55 13.53
C ACT C . 18.41 -14.06 14.34
O ACT C . 17.68 -13.10 14.64
OXT ACT C . 19.56 -14.27 14.80
CH3 ACT C . 17.82 -15.10 13.37
PG ATP D . 11.56 2.36 3.14
O1G ATP D . 10.25 2.06 3.75
O2G ATP D . 12.47 3.01 4.12
O3G ATP D . 11.51 3.02 1.81
PB ATP D . 13.49 0.35 2.26
O1B ATP D . 12.97 -0.58 1.26
O2B ATP D . 14.41 1.41 1.79
O3B ATP D . 12.12 0.89 2.86
PA ATP D . 13.77 -1.56 4.48
O1A ATP D . 12.31 -1.83 4.50
O2A ATP D . 14.36 -1.24 5.78
O3A ATP D . 14.22 -0.29 3.58
O5' ATP D . 14.42 -2.86 3.82
C5' ATP D . 15.80 -2.96 3.56
C4' ATP D . 16.03 -3.78 2.35
O4' ATP D . 15.51 -5.08 2.54
C3' ATP D . 15.40 -3.19 1.14
O3' ATP D . 16.38 -3.03 0.15
C2' ATP D . 14.35 -4.22 0.81
O2' ATP D . 14.10 -4.28 -0.56
C1' ATP D . 14.96 -5.51 1.36
N9 ATP D . 13.97 -6.57 1.57
C8 ATP D . 12.93 -6.52 2.35
N7 ATP D . 12.25 -7.65 2.25
C5 ATP D . 12.85 -8.43 1.40
C6 ATP D . 12.65 -9.76 0.87
N6 ATP D . 11.61 -10.49 1.27
N1 ATP D . 13.52 -10.23 -0.04
C2 ATP D . 14.57 -9.51 -0.41
N3 ATP D . 14.80 -8.31 0.04
C4 ATP D . 13.99 -7.71 0.93
N KD6 E . 7.61 -1.40 -7.27
C KD6 E . 4.66 -1.87 -9.50
BR KD6 E . 4.15 -1.01 -12.15
C7 KD6 E . 5.20 -1.28 -10.61
CL KD6 E . 3.08 -2.55 -9.58
C6 KD6 E . 6.49 -0.77 -10.59
C5 KD6 E . 7.24 -0.85 -9.42
C2 KD6 E . 6.67 -1.44 -8.27
C1 KD6 E . 5.37 -1.92 -8.31
C4 KD6 E . 8.57 -0.45 -9.06
C3 KD6 E . 8.74 -0.79 -7.76
#